data_4RSY
#
_entry.id   4RSY
#
_cell.length_a   76.961
_cell.length_b   86.803
_cell.length_c   98.207
_cell.angle_alpha   90.00
_cell.angle_beta   90.00
_cell.angle_gamma   90.00
#
_symmetry.space_group_name_H-M   'P 21 21 21'
#
loop_
_entity.id
_entity.type
_entity.pdbx_description
1 polymer 'Leukotriene A-4 hydrolase'
2 non-polymer 4-(dimethylamino)-N-[7-(hydroxyamino)-7-oxoheptyl]benzamide
3 non-polymer 'ZINC ION'
4 non-polymer 'YTTERBIUM (III) ION'
5 non-polymer 'ACETIC ACID'
6 non-polymer IMIDAZOLE
7 water water
#
_entity_poly.entity_id   1
_entity_poly.type   'polypeptide(L)'
_entity_poly.pdbx_seq_one_letter_code
;MGSSHHHHHHSSGLVPRGSHMPEIVDTCSLASPASVCRTKHLHLRCSVDFTRRTLTGTAALTVQSQEDNLRSLVLDTKDL
TIEKVVINGQEVKYALGERQSYKGSPMEISLPIALSKNQEIVIEISFETSPKSSALQWLTPEQTSGKEHPYLFSQCQAIH
CRAILPCQDTPSVKLTYTAEVSVPKELVALMSAIRDGETPDPEDPSRKIYKFIQKVPIPCYLIALVVGALESRQIGPRTL
VWSEKEQVEKSAYEFSETESMLKIAEDLGGPYVWGQYDLLVLPPSFPYGGMENPCLTFVTPTLLAGDKSLSNVIAHEISH
SWTGNLVTNKTWDHFWLNEGHTVYLERHICGRLFGEKFRHFNALGGWGELQNSVKTFGETHPFTKLVVDLTDIDPDVAYS
SVPYEKGFALLFYLEQLLGGPEIFLGFLKAYVEKFSYKSITTDDWKDFLYSYFKDKVDVLNQVDWNAWLYSPGLPPIKPN
YDMTLTNACIALSQRWITAKEDDLNSFNATDLKDLSSHQLNEFLAQTLQRAPLPLGHIKRMQEVYNFNAINNSEIRFRWL
RLCIQSKWEDAIPLALKMATEQGRMKFTRPLFKDLAAFDKSHDQAVRTYQEHKASMHPVTAMLVGKDLKVD
;
_entity_poly.pdbx_strand_id   A
#
loop_
_chem_comp.id
_chem_comp.type
_chem_comp.name
_chem_comp.formula
ACY non-polymer 'ACETIC ACID' 'C2 H4 O2'
B3N non-polymer 4-(dimethylamino)-N-[7-(hydroxyamino)-7-oxoheptyl]benzamide 'C16 H25 N3 O3'
IMD non-polymer IMIDAZOLE 'C3 H5 N2 1'
YB non-polymer 'YTTERBIUM (III) ION' 'Yb 3'
ZN non-polymer 'ZINC ION' 'Zn 2'
#
# COMPACT_ATOMS: atom_id res chain seq x y z
N VAL A 25 -11.97 -1.47 20.24
CA VAL A 25 -11.19 -0.18 20.31
C VAL A 25 -9.85 -0.22 19.52
N ASP A 26 -9.58 0.91 18.90
CA ASP A 26 -8.54 1.05 17.95
C ASP A 26 -7.41 1.79 18.67
N THR A 27 -6.37 1.07 19.03
CA THR A 27 -5.27 1.65 19.78
C THR A 27 -4.51 2.73 18.98
N CYS A 28 -4.66 2.78 17.65
CA CYS A 28 -3.99 3.80 16.82
C CYS A 28 -4.79 5.08 16.65
N SER A 29 -6.03 5.13 17.10
CA SER A 29 -6.81 6.37 16.97
C SER A 29 -7.03 7.07 18.34
N LEU A 30 -7.02 8.38 18.37
CA LEU A 30 -7.35 9.11 19.56
C LEU A 30 -8.79 9.59 19.60
N ALA A 31 -9.52 9.40 18.51
CA ALA A 31 -10.88 9.89 18.38
C ALA A 31 -11.90 9.11 19.20
N SER A 32 -13.08 9.71 19.37
CA SER A 32 -14.22 8.99 19.89
C SER A 32 -14.39 7.72 19.05
N PRO A 33 -14.67 6.58 19.70
CA PRO A 33 -14.78 5.35 18.92
C PRO A 33 -16.16 5.22 18.34
N ALA A 34 -16.38 4.21 17.51
CA ALA A 34 -17.68 4.08 16.80
C ALA A 34 -18.86 3.83 17.74
N SER A 35 -18.59 3.35 18.96
CA SER A 35 -19.64 3.13 19.94
C SER A 35 -20.16 4.43 20.50
N VAL A 36 -19.41 5.52 20.33
CA VAL A 36 -19.82 6.85 20.78
C VAL A 36 -20.46 7.70 19.68
N CYS A 37 -19.85 7.77 18.50
CA CYS A 37 -20.48 8.43 17.38
C CYS A 37 -19.81 7.91 16.11
N ARG A 38 -20.51 8.04 14.99
CA ARG A 38 -19.98 7.63 13.70
C ARG A 38 -20.10 8.73 12.68
N THR A 39 -19.00 9.06 12.00
CA THR A 39 -19.05 9.91 10.81
C THR A 39 -19.72 9.18 9.64
N LYS A 40 -20.77 9.78 9.07
CA LYS A 40 -21.51 9.18 7.95
C LYS A 40 -21.06 9.82 6.64
N HIS A 41 -20.55 11.04 6.67
CA HIS A 41 -20.28 11.79 5.46
C HIS A 41 -19.31 12.92 5.70
N LEU A 42 -18.54 13.19 4.66
CA LEU A 42 -17.60 14.31 4.59
C LEU A 42 -17.88 15.09 3.34
N HIS A 43 -18.09 16.38 3.53
CA HIS A 43 -18.01 17.33 2.45
C HIS A 43 -16.78 18.18 2.65
N LEU A 44 -15.81 18.03 1.73
CA LEU A 44 -14.56 18.74 1.76
C LEU A 44 -14.50 19.80 0.70
N ARG A 45 -14.16 21.01 1.11
CA ARG A 45 -13.96 22.09 0.17
C ARG A 45 -12.62 22.61 0.56
N CYS A 46 -11.65 22.52 -0.33
CA CYS A 46 -10.31 22.98 0.00
C CYS A 46 -9.62 23.59 -1.20
N SER A 47 -8.52 24.26 -0.91
CA SER A 47 -7.73 24.92 -1.94
C SER A 47 -6.31 24.48 -1.73
N VAL A 48 -5.63 24.22 -2.83
CA VAL A 48 -4.28 23.70 -2.81
C VAL A 48 -3.35 24.85 -3.15
N ASP A 49 -2.46 25.16 -2.22
CA ASP A 49 -1.59 26.33 -2.38
C ASP A 49 -0.15 25.85 -2.36
N PHE A 50 0.43 25.81 -3.56
CA PHE A 50 1.78 25.29 -3.74
C PHE A 50 2.84 26.23 -3.20
N THR A 51 2.45 27.46 -2.88
CA THR A 51 3.43 28.45 -2.38
C THR A 51 3.69 28.17 -0.94
N ARG A 52 2.62 28.05 -0.18
CA ARG A 52 2.74 27.85 1.27
C ARG A 52 2.82 26.35 1.57
N ARG A 53 2.66 25.50 0.54
CA ARG A 53 2.61 24.04 0.72
C ARG A 53 1.56 23.61 1.73
N THR A 54 0.35 24.16 1.59
CA THR A 54 -0.79 23.84 2.48
C THR A 54 -2.07 23.56 1.75
N LEU A 55 -2.87 22.71 2.37
CA LEU A 55 -4.24 22.55 2.01
C LEU A 55 -5.04 23.37 3.00
N THR A 56 -5.97 24.18 2.50
CA THR A 56 -6.77 25.08 3.33
C THR A 56 -8.25 24.86 3.01
N GLY A 57 -9.10 24.70 4.01
CA GLY A 57 -10.55 24.74 3.72
C GLY A 57 -11.39 24.23 4.86
N THR A 58 -12.51 23.58 4.52
CA THR A 58 -13.49 23.19 5.49
C THR A 58 -13.82 21.73 5.29
N ALA A 59 -13.81 21.01 6.37
CA ALA A 59 -14.26 19.63 6.41
C ALA A 59 -15.55 19.66 7.24
N ALA A 60 -16.65 19.44 6.54
CA ALA A 60 -17.96 19.28 7.14
C ALA A 60 -18.30 17.80 7.30
N LEU A 61 -18.30 17.35 8.55
CA LEU A 61 -18.57 15.99 8.89
C LEU A 61 -20.01 15.86 9.38
N THR A 62 -20.80 15.03 8.71
CA THR A 62 -22.10 14.61 9.25
C THR A 62 -21.83 13.48 10.21
N VAL A 63 -22.16 13.68 11.49
CA VAL A 63 -21.87 12.75 12.51
C VAL A 63 -23.14 12.22 13.17
N GLN A 64 -23.23 10.92 13.34
CA GLN A 64 -24.37 10.34 14.03
C GLN A 64 -23.98 9.92 15.42
N SER A 65 -24.74 10.39 16.41
CA SER A 65 -24.56 9.97 17.75
C SER A 65 -24.94 8.55 17.88
N GLN A 66 -24.17 7.82 18.70
CA GLN A 66 -24.50 6.45 19.02
C GLN A 66 -24.80 6.29 20.50
N GLU A 67 -24.85 7.43 21.22
CA GLU A 67 -25.15 7.45 22.64
C GLU A 67 -26.21 8.47 22.97
N ASP A 68 -26.89 8.24 24.07
CA ASP A 68 -27.84 9.24 24.65
C ASP A 68 -27.04 10.38 25.25
N ASN A 69 -27.55 11.60 25.16
CA ASN A 69 -26.99 12.76 25.84
C ASN A 69 -25.57 13.04 25.50
N LEU A 70 -25.29 12.99 24.22
CA LEU A 70 -23.94 13.15 23.75
C LEU A 70 -23.66 14.63 23.64
N ARG A 71 -22.57 15.07 24.31
CA ARG A 71 -22.27 16.48 24.57
C ARG A 71 -20.91 16.94 24.04
N SER A 72 -20.06 15.98 23.74
CA SER A 72 -18.79 16.31 23.13
C SER A 72 -18.28 15.12 22.34
N LEU A 73 -17.32 15.39 21.47
CA LEU A 73 -16.63 14.27 20.83
C LEU A 73 -15.21 14.63 20.44
N VAL A 74 -14.45 13.60 20.13
CA VAL A 74 -12.99 13.76 19.87
C VAL A 74 -12.67 13.27 18.44
N LEU A 75 -11.94 14.12 17.72
CA LEU A 75 -11.39 13.76 16.43
C LEU A 75 -9.86 13.63 16.50
N ASP A 76 -9.29 12.89 15.52
CA ASP A 76 -7.87 12.85 15.23
C ASP A 76 -7.44 14.02 14.40
N THR A 77 -6.25 14.55 14.71
CA THR A 77 -5.63 15.54 13.88
C THR A 77 -4.12 15.34 14.01
N LYS A 78 -3.36 15.85 13.04
CA LYS A 78 -1.93 15.80 13.08
C LYS A 78 -1.36 17.01 12.31
N ASP A 79 -0.72 17.91 13.07
CA ASP A 79 -0.18 19.14 12.53
C ASP A 79 -1.18 19.93 11.74
N LEU A 80 -2.43 19.97 12.20
CA LEU A 80 -3.41 20.86 11.63
C LEU A 80 -3.48 22.12 12.45
N THR A 81 -3.61 23.27 11.77
CA THR A 81 -4.04 24.50 12.36
C THR A 81 -5.56 24.60 12.22
N ILE A 82 -6.26 24.60 13.34
CA ILE A 82 -7.72 24.83 13.35
C ILE A 82 -8.07 26.32 13.45
N GLU A 83 -8.77 26.85 12.45
CA GLU A 83 -9.21 28.25 12.40
C GLU A 83 -10.54 28.44 13.16
N LYS A 84 -11.46 27.49 13.04
CA LYS A 84 -12.74 27.54 13.78
C LYS A 84 -13.58 26.27 13.57
N VAL A 85 -14.58 26.09 14.41
CA VAL A 85 -15.48 24.96 14.31
C VAL A 85 -16.90 25.53 14.44
N VAL A 86 -17.71 25.24 13.43
CA VAL A 86 -19.04 25.79 13.30
C VAL A 86 -20.09 24.68 13.26
N ILE A 87 -21.07 24.85 14.13
CA ILE A 87 -22.22 23.94 14.18
C ILE A 87 -23.47 24.82 14.23
N ASN A 88 -24.44 24.47 13.41
CA ASN A 88 -25.62 25.31 13.13
C ASN A 88 -25.36 26.80 13.13
N GLY A 89 -24.43 27.19 12.28
CA GLY A 89 -24.20 28.59 11.98
C GLY A 89 -23.41 29.34 13.03
N GLN A 90 -22.99 28.69 14.11
CA GLN A 90 -22.26 29.38 15.18
C GLN A 90 -20.98 28.66 15.55
N GLU A 91 -19.98 29.47 15.86
CA GLU A 91 -18.70 28.98 16.34
C GLU A 91 -18.96 28.24 17.63
N VAL A 92 -18.29 27.11 17.84
CA VAL A 92 -18.41 26.37 19.06
C VAL A 92 -17.01 26.22 19.61
N LYS A 93 -16.95 25.76 20.85
CA LYS A 93 -15.70 25.59 21.56
C LYS A 93 -15.05 24.28 21.27
N TYR A 94 -13.71 24.29 21.24
CA TYR A 94 -12.89 23.10 20.97
C TYR A 94 -11.54 23.24 21.63
N ALA A 95 -10.88 22.12 21.94
CA ALA A 95 -9.50 22.17 22.37
C ALA A 95 -8.68 21.02 21.82
N LEU A 96 -7.41 21.32 21.51
CA LEU A 96 -6.46 20.38 21.01
C LEU A 96 -5.60 19.91 22.14
N GLY A 97 -5.51 18.60 22.29
CA GLY A 97 -4.67 18.00 23.26
C GLY A 97 -3.17 18.10 22.95
N GLU A 98 -2.35 17.61 23.89
CA GLU A 98 -0.91 17.43 23.66
C GLU A 98 -0.65 16.37 22.53
N ARG A 99 0.30 16.68 21.62
CA ARG A 99 0.67 15.77 20.56
C ARG A 99 1.09 14.47 21.16
N GLN A 100 0.61 13.37 20.60
CA GLN A 100 1.01 12.05 21.04
C GLN A 100 1.79 11.34 19.94
N SER A 101 2.89 11.98 19.60
CA SER A 101 3.83 11.46 18.63
C SER A 101 3.19 11.26 17.24
N TYR A 102 3.43 10.08 16.68
CA TYR A 102 2.85 9.70 15.36
C TYR A 102 1.30 9.62 15.44
N LYS A 103 0.72 9.58 16.65
CA LYS A 103 -0.77 9.65 16.75
C LYS A 103 -1.36 11.06 16.56
N GLY A 104 -0.55 12.09 16.69
CA GLY A 104 -1.01 13.42 16.50
C GLY A 104 -1.69 13.90 17.79
N SER A 105 -2.57 14.86 17.63
CA SER A 105 -3.21 15.62 18.67
C SER A 105 -4.73 15.45 18.65
N PRO A 106 -5.29 14.92 19.74
CA PRO A 106 -6.75 14.75 19.78
C PRO A 106 -7.44 16.11 19.87
N MET A 107 -8.57 16.28 19.18
CA MET A 107 -9.30 17.50 19.22
C MET A 107 -10.73 17.26 19.77
N GLU A 108 -10.98 17.71 20.99
CA GLU A 108 -12.32 17.64 21.65
C GLU A 108 -13.18 18.83 21.28
N ILE A 109 -14.39 18.54 20.79
CA ILE A 109 -15.32 19.56 20.31
C ILE A 109 -16.52 19.56 21.26
N SER A 110 -16.93 20.74 21.73
CA SER A 110 -18.10 20.87 22.62
C SER A 110 -19.33 21.12 21.76
N LEU A 111 -20.33 20.23 21.81
CA LEU A 111 -21.51 20.36 20.95
C LEU A 111 -22.44 21.43 21.56
N PRO A 112 -23.17 22.21 20.75
CA PRO A 112 -23.99 23.28 21.36
C PRO A 112 -25.29 22.76 21.94
N ILE A 113 -25.72 21.56 21.55
CA ILE A 113 -26.93 20.91 22.08
C ILE A 113 -26.58 19.46 22.21
N ALA A 114 -27.07 18.84 23.23
CA ALA A 114 -26.87 17.42 23.43
C ALA A 114 -27.63 16.62 22.40
N LEU A 115 -27.03 15.50 21.96
CA LEU A 115 -27.69 14.71 20.89
C LEU A 115 -28.24 13.40 21.45
N SER A 116 -29.40 12.97 20.94
CA SER A 116 -29.88 11.68 21.41
C SER A 116 -29.26 10.64 20.47
N LYS A 117 -29.48 9.38 20.80
CA LYS A 117 -29.00 8.29 19.98
C LYS A 117 -29.57 8.30 18.54
N ASN A 118 -28.72 8.21 17.53
CA ASN A 118 -29.08 8.20 16.12
C ASN A 118 -29.26 9.58 15.54
N GLN A 119 -29.28 10.61 16.39
CA GLN A 119 -29.32 11.98 15.92
C GLN A 119 -28.05 12.35 15.20
N GLU A 120 -28.19 13.08 14.14
CA GLU A 120 -27.07 13.47 13.27
C GLU A 120 -26.96 14.99 13.21
N ILE A 121 -25.74 15.49 13.20
CA ILE A 121 -25.46 16.92 13.01
C ILE A 121 -24.34 17.03 12.02
N VAL A 122 -24.15 18.25 11.54
CA VAL A 122 -23.02 18.56 10.72
C VAL A 122 -22.06 19.49 11.50
N ILE A 123 -20.78 19.10 11.54
CA ILE A 123 -19.69 19.86 12.20
C ILE A 123 -18.77 20.40 11.10
N GLU A 124 -18.74 21.72 10.92
CA GLU A 124 -17.90 22.35 9.90
C GLU A 124 -16.57 22.85 10.50
N ILE A 125 -15.47 22.18 10.18
CA ILE A 125 -14.14 22.57 10.70
C ILE A 125 -13.31 23.24 9.61
N SER A 126 -12.85 24.47 9.90
CA SER A 126 -11.97 25.23 9.03
C SER A 126 -10.58 24.92 9.47
N PHE A 127 -9.72 24.56 8.50
CA PHE A 127 -8.40 24.15 8.88
C PHE A 127 -7.38 24.38 7.73
N GLU A 128 -6.14 24.12 8.08
CA GLU A 128 -5.04 24.25 7.14
C GLU A 128 -4.02 23.20 7.52
N THR A 129 -3.44 22.53 6.51
CA THR A 129 -2.47 21.52 6.80
C THR A 129 -1.11 22.18 7.00
N SER A 130 -0.20 21.44 7.60
CA SER A 130 1.20 21.86 7.64
C SER A 130 1.96 21.40 6.38
N PRO A 131 2.93 22.21 5.91
CA PRO A 131 3.87 21.73 4.88
C PRO A 131 4.47 20.42 5.19
N LYS A 132 4.63 20.07 6.46
CA LYS A 132 5.20 18.78 6.89
C LYS A 132 4.18 17.61 7.18
N SER A 133 2.94 17.76 6.73
CA SER A 133 1.89 16.76 6.84
C SER A 133 2.50 15.44 6.45
N SER A 134 2.38 14.45 7.28
CA SER A 134 2.92 13.16 6.93
C SER A 134 2.12 12.43 5.83
N ALA A 135 0.94 12.92 5.49
CA ALA A 135 0.12 12.35 4.42
C ALA A 135 0.56 12.77 3.07
N LEU A 136 1.29 13.88 3.01
CA LEU A 136 1.50 14.61 1.75
C LEU A 136 2.97 14.63 1.35
N GLN A 137 3.23 14.57 0.05
CA GLN A 137 4.51 15.04 -0.47
C GLN A 137 4.27 16.10 -1.52
N TRP A 138 4.97 17.22 -1.33
CA TRP A 138 4.88 18.34 -2.24
C TRP A 138 6.14 18.29 -3.12
N LEU A 139 5.97 18.28 -4.42
CA LEU A 139 7.08 18.17 -5.31
C LEU A 139 7.30 19.49 -6.03
N THR A 140 8.56 19.90 -6.14
CA THR A 140 8.92 21.03 -6.98
C THR A 140 8.93 20.55 -8.40
N PRO A 141 8.87 21.49 -9.35
CA PRO A 141 8.91 21.18 -10.78
C PRO A 141 10.10 20.27 -11.16
N GLU A 142 11.28 20.49 -10.58
CA GLU A 142 12.42 19.63 -10.97
C GLU A 142 12.28 18.19 -10.49
N GLN A 143 11.39 17.94 -9.51
CA GLN A 143 11.07 16.58 -9.10
C GLN A 143 10.02 15.84 -9.97
N THR A 144 9.46 16.49 -10.96
CA THR A 144 8.41 15.89 -11.78
C THR A 144 9.08 15.50 -13.10
N SER A 145 8.33 14.81 -13.96
CA SER A 145 8.80 14.49 -15.31
C SER A 145 8.86 15.68 -16.22
N GLY A 146 7.82 16.51 -16.15
CA GLY A 146 7.63 17.60 -17.07
C GLY A 146 8.54 18.77 -16.78
N LYS A 147 8.97 18.93 -15.55
CA LYS A 147 9.80 20.04 -15.13
C LYS A 147 9.14 21.47 -15.10
N GLU A 148 7.89 21.66 -15.49
CA GLU A 148 7.31 23.04 -15.59
C GLU A 148 6.34 23.35 -14.47
N HIS A 149 5.95 22.31 -13.73
CA HIS A 149 4.85 22.40 -12.72
C HIS A 149 5.13 21.62 -11.51
N PRO A 150 4.66 22.12 -10.36
CA PRO A 150 4.79 21.32 -9.18
C PRO A 150 3.67 20.25 -9.13
N TYR A 151 3.60 19.46 -8.04
CA TYR A 151 2.78 18.25 -7.98
C TYR A 151 2.62 17.90 -6.49
N LEU A 152 1.46 17.40 -6.15
CA LEU A 152 1.14 17.06 -4.77
C LEU A 152 0.45 15.71 -4.86
N PHE A 153 0.74 14.81 -3.94
CA PHE A 153 -0.07 13.56 -3.82
C PHE A 153 -0.13 13.15 -2.39
N SER A 154 -1.20 12.45 -2.03
CA SER A 154 -1.38 11.98 -0.67
C SER A 154 -1.18 10.45 -0.51
N GLN A 155 -0.97 10.02 0.73
CA GLN A 155 -0.94 8.58 1.09
C GLN A 155 -1.44 8.47 2.56
N CYS A 156 -2.67 8.01 2.72
CA CYS A 156 -3.34 8.07 3.99
C CYS A 156 -3.23 6.82 4.77
N GLN A 157 -3.19 5.66 4.09
CA GLN A 157 -3.02 4.44 4.82
C GLN A 157 -1.65 4.41 5.51
N ALA A 158 -1.59 4.01 6.75
CA ALA A 158 -2.69 3.56 7.62
C ALA A 158 -3.39 4.75 8.33
N ILE A 159 -2.59 5.61 8.99
CA ILE A 159 -3.15 6.65 9.87
C ILE A 159 -2.66 8.05 9.58
N HIS A 160 -2.60 8.41 8.31
CA HIS A 160 -2.21 9.74 7.89
C HIS A 160 -3.35 10.64 7.45
N CYS A 161 -4.59 10.11 7.31
CA CYS A 161 -5.72 10.96 6.94
C CYS A 161 -5.83 12.13 7.94
N ARG A 162 -5.61 11.84 9.21
CA ARG A 162 -5.64 12.92 10.27
C ARG A 162 -4.64 14.03 10.00
N ALA A 163 -3.69 13.84 9.06
CA ALA A 163 -2.74 14.88 8.79
C ALA A 163 -3.18 15.69 7.58
N ILE A 164 -4.34 15.34 7.00
CA ILE A 164 -4.96 16.15 5.96
C ILE A 164 -6.17 16.86 6.54
N LEU A 165 -6.93 16.17 7.38
CA LEU A 165 -8.18 16.73 7.91
C LEU A 165 -8.61 16.04 9.18
N PRO A 166 -9.40 16.76 10.03
CA PRO A 166 -9.84 16.22 11.27
C PRO A 166 -10.82 15.12 10.99
N CYS A 167 -10.65 13.96 11.63
CA CYS A 167 -11.54 12.83 11.40
C CYS A 167 -11.40 11.80 12.48
N GLN A 168 -12.33 10.84 12.47
CA GLN A 168 -12.19 9.68 13.28
C GLN A 168 -11.31 8.77 12.43
N ASP A 169 -10.00 8.84 12.64
CA ASP A 169 -9.09 8.22 11.74
C ASP A 169 -8.88 6.79 12.14
N THR A 170 -9.90 5.99 11.81
CA THR A 170 -9.97 4.57 12.23
C THR A 170 -10.78 3.83 11.20
N PRO A 171 -10.33 2.65 10.80
CA PRO A 171 -11.10 1.91 9.74
C PRO A 171 -12.37 1.24 10.23
N SER A 172 -12.68 1.41 11.51
CA SER A 172 -13.93 0.87 12.07
C SER A 172 -15.14 1.79 11.73
N VAL A 173 -14.87 2.94 11.15
CA VAL A 173 -15.91 3.89 10.70
C VAL A 173 -15.87 4.08 9.18
N LYS A 174 -17.00 4.00 8.52
CA LYS A 174 -17.09 4.20 7.07
C LYS A 174 -18.04 5.28 6.72
N LEU A 175 -17.61 6.13 5.79
CA LEU A 175 -18.37 7.32 5.37
C LEU A 175 -18.39 7.51 3.89
N THR A 176 -19.38 8.19 3.37
CA THR A 176 -19.30 8.63 1.98
C THR A 176 -18.66 10.01 1.95
N TYR A 177 -18.36 10.52 0.78
CA TYR A 177 -17.80 11.88 0.73
C TYR A 177 -18.03 12.61 -0.56
N THR A 178 -18.12 13.94 -0.45
CA THR A 178 -18.12 14.80 -1.58
C THR A 178 -17.00 15.79 -1.40
N ALA A 179 -16.46 16.28 -2.50
CA ALA A 179 -15.39 17.29 -2.39
C ALA A 179 -15.34 18.21 -3.56
N GLU A 180 -14.84 19.40 -3.26
CA GLU A 180 -14.59 20.47 -4.25
C GLU A 180 -13.18 21.00 -3.97
N VAL A 181 -12.33 20.92 -4.98
CA VAL A 181 -10.91 21.21 -4.79
C VAL A 181 -10.49 22.31 -5.77
N SER A 182 -9.93 23.37 -5.21
CA SER A 182 -9.56 24.52 -6.04
C SER A 182 -8.10 24.44 -6.29
N VAL A 183 -7.70 24.51 -7.55
CA VAL A 183 -6.29 24.37 -7.90
C VAL A 183 -5.90 25.41 -8.94
N PRO A 184 -4.58 25.67 -9.11
CA PRO A 184 -4.16 26.48 -10.30
C PRO A 184 -4.70 25.89 -11.55
N LYS A 185 -5.19 26.75 -12.43
CA LYS A 185 -5.98 26.28 -13.55
C LYS A 185 -5.19 25.47 -14.51
N GLU A 186 -3.86 25.50 -14.39
CA GLU A 186 -3.04 24.75 -15.32
C GLU A 186 -2.88 23.27 -14.89
N LEU A 187 -3.45 22.94 -13.75
CA LEU A 187 -3.27 21.64 -13.13
C LEU A 187 -4.64 20.95 -13.06
N VAL A 188 -4.60 19.69 -12.67
CA VAL A 188 -5.75 18.80 -12.52
C VAL A 188 -5.66 18.14 -11.12
N ALA A 189 -6.80 18.07 -10.41
CA ALA A 189 -6.99 17.36 -9.19
C ALA A 189 -7.73 16.06 -9.51
N LEU A 190 -7.35 15.02 -8.79
CA LEU A 190 -8.13 13.78 -8.80
C LEU A 190 -8.22 13.28 -7.42
N MET A 191 -9.26 12.44 -7.16
CA MET A 191 -9.38 11.89 -5.85
C MET A 191 -9.91 10.47 -5.97
N SER A 192 -10.05 9.83 -4.80
CA SER A 192 -10.58 8.47 -4.67
C SER A 192 -12.10 8.42 -4.70
N ALA A 193 -12.62 8.78 -5.85
CA ALA A 193 -13.99 9.16 -6.05
C ALA A 193 -14.34 9.29 -7.52
N ILE A 194 -15.62 9.46 -7.82
CA ILE A 194 -16.06 9.68 -9.18
C ILE A 194 -15.87 11.13 -9.53
N ARG A 195 -15.26 11.41 -10.70
CA ARG A 195 -15.13 12.79 -11.20
C ARG A 195 -16.51 13.32 -11.50
N ASP A 196 -16.83 14.51 -11.00
CA ASP A 196 -18.16 15.08 -11.17
C ASP A 196 -18.23 16.44 -11.94
N GLY A 197 -17.13 16.86 -12.55
CA GLY A 197 -17.10 18.09 -13.36
C GLY A 197 -16.00 19.01 -12.88
N GLU A 198 -15.63 19.98 -13.71
CA GLU A 198 -14.75 21.05 -13.35
C GLU A 198 -15.42 22.38 -13.72
N THR A 199 -15.00 23.44 -13.08
CA THR A 199 -15.40 24.80 -13.48
C THR A 199 -14.26 25.73 -13.17
N PRO A 200 -14.20 26.87 -13.85
CA PRO A 200 -13.33 27.93 -13.32
C PRO A 200 -13.75 28.23 -11.89
N ASP A 201 -12.82 28.64 -11.04
CA ASP A 201 -13.14 29.02 -9.70
C ASP A 201 -13.84 30.40 -9.76
N PRO A 202 -15.10 30.48 -9.29
CA PRO A 202 -15.78 31.79 -9.18
C PRO A 202 -14.97 32.87 -8.45
N GLU A 203 -14.44 32.58 -7.25
CA GLU A 203 -13.60 33.51 -6.44
C GLU A 203 -12.29 33.95 -7.22
N ASP A 204 -11.80 33.17 -8.20
CA ASP A 204 -10.40 33.31 -8.71
C ASP A 204 -10.09 32.68 -10.08
N PRO A 205 -10.07 33.49 -11.15
CA PRO A 205 -10.01 33.04 -12.53
C PRO A 205 -8.64 32.48 -12.96
N SER A 206 -7.67 32.53 -12.07
CA SER A 206 -6.42 31.80 -12.24
C SER A 206 -6.55 30.32 -11.73
N ARG A 207 -7.77 29.92 -11.35
CA ARG A 207 -8.02 28.63 -10.66
C ARG A 207 -9.18 27.87 -11.25
N LYS A 208 -9.16 26.57 -10.95
CA LYS A 208 -10.24 25.69 -11.38
C LYS A 208 -10.74 24.98 -10.17
N ILE A 209 -12.01 24.66 -10.16
CA ILE A 209 -12.52 23.85 -9.07
C ILE A 209 -12.87 22.47 -9.66
N TYR A 210 -12.36 21.37 -9.08
CA TYR A 210 -12.71 20.03 -9.54
C TYR A 210 -13.63 19.41 -8.43
N LYS A 211 -14.61 18.66 -8.85
CA LYS A 211 -15.67 18.12 -8.04
C LYS A 211 -15.59 16.60 -8.03
N PHE A 212 -16.01 15.97 -6.94
CA PHE A 212 -15.75 14.54 -6.68
C PHE A 212 -16.89 14.03 -5.82
N ILE A 213 -17.35 12.78 -6.08
CA ILE A 213 -18.31 12.13 -5.25
C ILE A 213 -17.97 10.63 -5.04
N GLN A 214 -17.92 10.23 -3.79
CA GLN A 214 -17.74 8.83 -3.45
C GLN A 214 -19.02 8.38 -2.76
N LYS A 215 -19.91 7.70 -3.50
CA LYS A 215 -21.22 7.22 -2.96
C LYS A 215 -21.14 5.94 -2.13
N VAL A 216 -20.01 5.27 -2.14
CA VAL A 216 -19.95 4.03 -1.44
C VAL A 216 -19.18 4.34 -0.16
N PRO A 217 -19.70 3.87 1.00
CA PRO A 217 -19.02 4.18 2.23
C PRO A 217 -17.64 3.58 2.31
N ILE A 218 -16.70 4.37 2.84
CA ILE A 218 -15.28 4.00 2.91
C ILE A 218 -14.66 4.41 4.24
N PRO A 219 -13.71 3.60 4.70
CA PRO A 219 -12.82 4.08 5.75
C PRO A 219 -11.95 5.27 5.32
N CYS A 220 -11.66 6.17 6.26
CA CYS A 220 -11.05 7.39 5.82
C CYS A 220 -9.59 7.16 5.31
N TYR A 221 -8.95 6.01 5.60
CA TYR A 221 -7.60 5.76 5.01
C TYR A 221 -7.60 5.69 3.49
N LEU A 222 -8.80 5.58 2.91
CA LEU A 222 -9.01 5.50 1.46
C LEU A 222 -9.27 6.85 0.80
N ILE A 223 -9.24 7.93 1.59
CA ILE A 223 -9.31 9.29 1.02
C ILE A 223 -7.96 9.54 0.34
N ALA A 224 -8.02 10.05 -0.87
CA ALA A 224 -6.84 10.40 -1.60
C ALA A 224 -7.04 11.59 -2.48
N LEU A 225 -5.90 12.24 -2.72
CA LEU A 225 -5.84 13.44 -3.54
C LEU A 225 -4.53 13.57 -4.29
N VAL A 226 -4.60 13.92 -5.56
CA VAL A 226 -3.39 14.25 -6.30
C VAL A 226 -3.64 15.56 -7.03
N VAL A 227 -2.64 16.45 -7.07
CA VAL A 227 -2.73 17.59 -7.96
C VAL A 227 -1.47 17.76 -8.77
N GLY A 228 -1.61 17.86 -10.08
CA GLY A 228 -0.41 18.00 -10.97
C GLY A 228 -0.79 18.18 -12.43
N ALA A 229 0.22 18.19 -13.31
CA ALA A 229 -0.06 18.36 -14.72
C ALA A 229 -0.36 17.02 -15.27
N LEU A 230 -1.61 16.58 -15.15
CA LEU A 230 -1.98 15.20 -15.43
C LEU A 230 -2.70 15.12 -16.74
N GLU A 231 -2.39 14.09 -17.51
CA GLU A 231 -3.17 13.77 -18.69
C GLU A 231 -3.81 12.36 -18.55
N SER A 232 -4.76 12.03 -19.38
CA SER A 232 -5.50 10.75 -19.29
C SER A 232 -5.57 10.07 -20.63
N ARG A 233 -5.56 8.73 -20.57
CA ARG A 233 -5.84 7.94 -21.75
C ARG A 233 -6.73 6.78 -21.37
N GLN A 234 -7.79 6.56 -22.15
CA GLN A 234 -8.67 5.43 -21.94
C GLN A 234 -7.97 4.10 -22.28
N ILE A 235 -8.05 3.14 -21.38
CA ILE A 235 -7.50 1.85 -21.65
C ILE A 235 -8.49 0.72 -21.48
N GLY A 236 -9.72 1.00 -21.03
CA GLY A 236 -10.75 -0.01 -20.84
C GLY A 236 -12.09 0.73 -20.69
N PRO A 237 -13.22 0.00 -20.70
CA PRO A 237 -14.53 0.61 -20.61
C PRO A 237 -14.75 1.36 -19.30
N ARG A 238 -13.97 1.05 -18.27
CA ARG A 238 -14.18 1.78 -17.00
C ARG A 238 -12.86 2.16 -16.35
N THR A 239 -11.86 2.41 -17.23
CA THR A 239 -10.52 2.69 -16.82
C THR A 239 -9.81 3.69 -17.73
N LEU A 240 -9.39 4.77 -17.11
CA LEU A 240 -8.45 5.66 -17.72
C LEU A 240 -7.22 5.56 -16.89
N VAL A 241 -6.08 5.63 -17.58
CA VAL A 241 -4.79 5.81 -16.94
C VAL A 241 -4.39 7.31 -16.97
N TRP A 242 -4.04 7.81 -15.80
CA TRP A 242 -3.58 9.17 -15.59
C TRP A 242 -2.12 9.19 -15.23
N SER A 243 -1.41 10.14 -15.81
CA SER A 243 -0.06 10.43 -15.41
C SER A 243 0.38 11.76 -16.01
N GLU A 244 1.57 12.22 -15.66
CA GLU A 244 2.20 13.27 -16.47
C GLU A 244 2.42 12.70 -17.87
N LYS A 245 2.48 13.62 -18.82
CA LYS A 245 2.42 13.33 -20.22
C LYS A 245 3.52 12.35 -20.54
N GLU A 246 4.69 12.51 -19.93
CA GLU A 246 5.86 11.69 -20.24
C GLU A 246 5.66 10.18 -20.04
N GLN A 247 4.75 9.81 -19.12
CA GLN A 247 4.52 8.40 -18.79
C GLN A 247 3.23 7.78 -19.36
N VAL A 248 2.40 8.55 -20.05
CA VAL A 248 1.09 8.04 -20.48
C VAL A 248 1.18 6.86 -21.48
N GLU A 249 1.92 7.06 -22.58
CA GLU A 249 2.15 6.00 -23.56
C GLU A 249 2.61 4.63 -22.96
N LYS A 250 3.68 4.66 -22.18
CA LYS A 250 4.16 3.40 -21.57
C LYS A 250 3.19 2.84 -20.59
N SER A 251 2.47 3.72 -19.88
CA SER A 251 1.50 3.28 -18.87
C SER A 251 0.29 2.56 -19.49
N ALA A 252 -0.20 3.10 -20.59
CA ALA A 252 -1.36 2.48 -21.29
C ALA A 252 -1.03 1.10 -21.76
N TYR A 253 0.21 0.92 -22.25
CA TYR A 253 0.67 -0.41 -22.58
C TYR A 253 0.81 -1.33 -21.37
N GLU A 254 1.57 -0.86 -20.39
CA GLU A 254 1.95 -1.70 -19.24
C GLU A 254 0.72 -2.29 -18.51
N PHE A 255 -0.37 -1.53 -18.47
CA PHE A 255 -1.57 -1.88 -17.67
C PHE A 255 -2.79 -2.23 -18.54
N SER A 256 -2.52 -2.64 -19.76
CA SER A 256 -3.55 -2.99 -20.73
C SER A 256 -4.40 -4.19 -20.29
N GLU A 257 -3.87 -5.06 -19.43
CA GLU A 257 -4.66 -6.22 -18.89
C GLU A 257 -5.71 -5.86 -17.80
N THR A 258 -5.76 -4.61 -17.40
CA THR A 258 -6.58 -4.18 -16.30
C THR A 258 -8.04 -4.63 -16.43
N GLU A 259 -8.64 -4.40 -17.59
CA GLU A 259 -10.07 -4.80 -17.71
C GLU A 259 -10.27 -6.32 -17.59
N SER A 260 -9.38 -7.12 -18.20
CA SER A 260 -9.50 -8.57 -18.09
C SER A 260 -9.36 -9.00 -16.63
N MET A 261 -8.48 -8.35 -15.86
CA MET A 261 -8.31 -8.60 -14.44
C MET A 261 -9.53 -8.22 -13.67
N LEU A 262 -10.12 -7.07 -13.97
CA LEU A 262 -11.37 -6.69 -13.26
C LEU A 262 -12.51 -7.71 -13.53
N LYS A 263 -12.61 -8.20 -14.76
CA LYS A 263 -13.67 -9.17 -15.11
C LYS A 263 -13.45 -10.46 -14.33
N ILE A 264 -12.21 -10.90 -14.23
CA ILE A 264 -11.92 -12.09 -13.40
C ILE A 264 -12.27 -11.86 -11.96
N ALA A 265 -11.81 -10.73 -11.42
CA ALA A 265 -12.09 -10.44 -9.99
C ALA A 265 -13.61 -10.44 -9.67
N GLU A 266 -14.41 -9.84 -10.54
CA GLU A 266 -15.87 -9.87 -10.45
C GLU A 266 -16.40 -11.29 -10.43
N ASP A 267 -15.81 -12.17 -11.20
CA ASP A 267 -16.27 -13.53 -11.25
C ASP A 267 -16.00 -14.17 -9.89
N LEU A 268 -14.84 -13.86 -9.31
CA LEU A 268 -14.42 -14.44 -8.05
C LEU A 268 -15.08 -13.83 -6.83
N GLY A 269 -15.19 -12.51 -6.79
CA GLY A 269 -15.69 -11.80 -5.61
C GLY A 269 -17.10 -11.22 -5.66
N GLY A 270 -17.75 -11.31 -6.81
CA GLY A 270 -19.05 -10.68 -6.96
C GLY A 270 -18.92 -9.30 -7.56
N PRO A 271 -20.03 -8.62 -7.67
CA PRO A 271 -20.11 -7.33 -8.41
C PRO A 271 -19.07 -6.29 -7.98
N TYR A 272 -18.43 -5.65 -8.95
CA TYR A 272 -17.55 -4.48 -8.69
C TYR A 272 -18.45 -3.28 -8.41
N VAL A 273 -18.42 -2.73 -7.19
CA VAL A 273 -19.53 -1.85 -6.73
C VAL A 273 -19.18 -0.35 -6.92
N TRP A 274 -17.98 -0.05 -7.38
CA TRP A 274 -17.36 1.26 -7.28
C TRP A 274 -17.52 2.13 -8.58
N GLY A 275 -17.99 1.53 -9.66
CA GLY A 275 -18.25 2.26 -10.89
C GLY A 275 -16.96 2.30 -11.70
N GLN A 276 -16.14 3.30 -11.46
CA GLN A 276 -14.90 3.46 -12.20
C GLN A 276 -13.75 2.73 -11.54
N TYR A 277 -12.79 2.30 -12.34
CA TYR A 277 -11.49 1.86 -11.86
C TYR A 277 -10.39 2.53 -12.65
N ASP A 278 -9.95 3.68 -12.22
CA ASP A 278 -8.87 4.38 -12.91
C ASP A 278 -7.58 4.05 -12.27
N LEU A 279 -6.49 4.35 -13.01
CA LEU A 279 -5.17 4.20 -12.51
C LEU A 279 -4.46 5.52 -12.58
N LEU A 280 -3.67 5.80 -11.55
CA LEU A 280 -2.80 6.94 -11.58
C LEU A 280 -1.38 6.48 -11.41
N VAL A 281 -0.50 6.85 -12.36
CA VAL A 281 0.91 6.49 -12.22
C VAL A 281 1.62 7.71 -11.73
N LEU A 282 2.18 7.59 -10.53
CA LEU A 282 2.73 8.73 -9.80
C LEU A 282 4.20 8.99 -10.22
N PRO A 283 4.75 10.08 -9.68
CA PRO A 283 6.15 10.28 -9.82
C PRO A 283 6.92 9.30 -8.99
N PRO A 284 8.24 9.25 -9.22
CA PRO A 284 9.06 8.15 -8.73
C PRO A 284 9.14 8.03 -7.20
N SER A 285 8.80 9.08 -6.44
CA SER A 285 8.91 9.03 -5.02
C SER A 285 7.70 8.43 -4.33
N PHE A 286 6.68 8.02 -5.07
CA PHE A 286 5.58 7.37 -4.41
C PHE A 286 6.06 6.17 -3.59
N PRO A 287 5.65 6.08 -2.32
CA PRO A 287 6.32 5.13 -1.41
C PRO A 287 5.99 3.65 -1.53
N TYR A 288 4.91 3.33 -2.25
CA TYR A 288 4.43 1.96 -2.32
C TYR A 288 4.24 1.47 -3.78
N GLY A 289 4.29 0.15 -4.00
CA GLY A 289 4.01 -0.40 -5.32
C GLY A 289 2.66 0.11 -5.80
N GLY A 290 1.68 -0.05 -4.94
CA GLY A 290 0.35 0.41 -5.28
C GLY A 290 -0.46 0.79 -4.02
N MET A 291 -1.50 1.55 -4.21
CA MET A 291 -2.40 1.88 -3.12
C MET A 291 -3.79 1.82 -3.68
N GLU A 292 -4.67 1.08 -3.02
CA GLU A 292 -6.02 0.77 -3.62
C GLU A 292 -7.09 1.82 -3.38
N ASN A 293 -6.73 3.07 -3.56
CA ASN A 293 -7.72 4.19 -3.34
C ASN A 293 -8.92 3.95 -4.23
N PRO A 294 -10.13 3.98 -3.64
CA PRO A 294 -11.24 3.57 -4.46
C PRO A 294 -11.50 4.49 -5.65
N CYS A 295 -11.80 3.85 -6.78
CA CYS A 295 -11.98 4.48 -8.07
C CYS A 295 -10.73 5.00 -8.73
N LEU A 296 -9.60 5.04 -8.00
CA LEU A 296 -8.36 5.56 -8.49
C LEU A 296 -7.16 4.89 -7.78
N THR A 297 -6.82 3.69 -8.22
CA THR A 297 -5.60 3.08 -7.75
C THR A 297 -4.38 3.95 -8.10
N PHE A 298 -3.47 4.12 -7.12
CA PHE A 298 -2.23 4.88 -7.28
C PHE A 298 -1.11 3.83 -7.44
N VAL A 299 -0.29 3.95 -8.44
CA VAL A 299 0.83 3.06 -8.59
C VAL A 299 2.19 3.74 -8.77
N THR A 300 3.23 3.01 -8.41
CA THR A 300 4.62 3.45 -8.61
C THR A 300 4.93 3.38 -10.11
N PRO A 301 5.73 4.33 -10.64
CA PRO A 301 6.22 4.22 -12.00
C PRO A 301 7.28 3.14 -12.17
N THR A 302 7.70 2.51 -11.09
CA THR A 302 8.67 1.44 -11.17
C THR A 302 7.98 0.17 -11.64
N LEU A 303 6.67 0.20 -11.84
CA LEU A 303 5.98 -0.91 -12.53
C LEU A 303 6.28 -0.92 -14.07
N LEU A 304 6.81 0.16 -14.60
CA LEU A 304 6.94 0.32 -16.04
C LEU A 304 8.09 -0.48 -16.63
N ALA A 305 7.98 -1.80 -16.65
CA ALA A 305 9.10 -2.66 -17.13
C ALA A 305 9.22 -2.75 -18.63
N GLY A 306 8.14 -2.46 -19.35
CA GLY A 306 8.12 -2.61 -20.82
C GLY A 306 7.54 -3.89 -21.34
N ASP A 307 7.14 -4.80 -20.44
CA ASP A 307 6.57 -6.09 -20.86
C ASP A 307 5.35 -6.61 -20.03
N LYS A 308 4.76 -5.75 -19.21
CA LYS A 308 3.66 -6.10 -18.33
C LYS A 308 4.01 -7.13 -17.26
N SER A 309 5.29 -7.42 -16.99
CA SER A 309 5.60 -8.51 -16.05
C SER A 309 5.32 -8.14 -14.58
N LEU A 310 5.15 -6.88 -14.28
CA LEU A 310 4.84 -6.40 -12.89
C LEU A 310 3.36 -6.05 -12.62
N SER A 311 2.52 -6.46 -13.53
CA SER A 311 1.09 -6.14 -13.48
C SER A 311 0.35 -6.90 -12.35
N ASN A 312 1.00 -7.85 -11.68
CA ASN A 312 0.39 -8.49 -10.55
C ASN A 312 0.08 -7.47 -9.43
N VAL A 313 0.84 -6.38 -9.37
CA VAL A 313 0.54 -5.24 -8.46
C VAL A 313 -0.84 -4.66 -8.80
N ILE A 314 -1.15 -4.57 -10.10
CA ILE A 314 -2.51 -4.15 -10.48
C ILE A 314 -3.61 -5.18 -10.05
N ALA A 315 -3.37 -6.46 -10.31
CA ALA A 315 -4.31 -7.47 -9.88
C ALA A 315 -4.53 -7.30 -8.34
N HIS A 316 -3.45 -7.01 -7.61
CA HIS A 316 -3.52 -6.82 -6.16
C HIS A 316 -4.45 -5.66 -5.80
N GLU A 317 -4.25 -4.50 -6.42
CA GLU A 317 -5.04 -3.37 -6.04
C GLU A 317 -6.47 -3.59 -6.42
N ILE A 318 -6.68 -4.13 -7.63
CA ILE A 318 -8.01 -4.51 -8.08
C ILE A 318 -8.71 -5.31 -7.00
N SER A 319 -8.03 -6.37 -6.52
CA SER A 319 -8.58 -7.27 -5.51
C SER A 319 -9.02 -6.60 -4.21
N HIS A 320 -8.29 -5.57 -3.72
CA HIS A 320 -8.76 -4.74 -2.58
C HIS A 320 -10.19 -4.10 -2.76
N SER A 321 -10.67 -4.02 -3.98
CA SER A 321 -12.03 -3.47 -4.19
C SER A 321 -13.09 -4.34 -3.51
N TRP A 322 -12.71 -5.58 -3.20
CA TRP A 322 -13.46 -6.49 -2.38
C TRP A 322 -12.83 -6.65 -0.99
N THR A 323 -11.62 -7.21 -0.96
CA THR A 323 -10.96 -7.54 0.30
C THR A 323 -10.14 -6.32 0.84
N GLY A 324 -10.77 -5.54 1.69
CA GLY A 324 -10.23 -4.30 2.21
C GLY A 324 -11.06 -3.06 2.04
N ASN A 325 -11.54 -2.82 0.81
CA ASN A 325 -12.38 -1.64 0.54
C ASN A 325 -13.90 -1.90 0.86
N LEU A 326 -14.33 -3.14 0.62
CA LEU A 326 -15.70 -3.60 0.88
C LEU A 326 -15.82 -4.24 2.24
N VAL A 327 -15.04 -5.30 2.46
CA VAL A 327 -14.89 -5.85 3.77
C VAL A 327 -13.57 -5.28 4.30
N THR A 328 -13.61 -4.61 5.47
CA THR A 328 -12.47 -3.82 5.97
C THR A 328 -11.98 -4.30 7.35
N ASN A 329 -10.65 -4.28 7.58
CA ASN A 329 -10.14 -4.56 8.94
C ASN A 329 -10.66 -3.55 9.96
N LYS A 330 -11.12 -4.03 11.11
CA LYS A 330 -11.72 -3.16 12.10
C LYS A 330 -10.64 -2.30 12.80
N THR A 331 -9.47 -2.88 13.04
CA THR A 331 -8.32 -2.08 13.51
C THR A 331 -7.09 -2.59 12.76
N TRP A 332 -5.96 -1.91 12.88
CA TRP A 332 -4.78 -2.24 12.07
C TRP A 332 -4.14 -3.50 12.62
N ASP A 333 -4.52 -3.88 13.83
CA ASP A 333 -4.12 -5.16 14.39
C ASP A 333 -4.53 -6.35 13.48
N HIS A 334 -5.61 -6.17 12.71
CA HIS A 334 -6.20 -7.20 11.86
C HIS A 334 -5.92 -6.95 10.35
N PHE A 335 -4.82 -6.25 10.09
CA PHE A 335 -4.38 -5.88 8.72
C PHE A 335 -4.28 -7.09 7.86
N TRP A 336 -3.93 -8.22 8.45
CA TRP A 336 -3.76 -9.42 7.61
C TRP A 336 -5.06 -9.75 6.80
N LEU A 337 -6.19 -9.45 7.42
CA LEU A 337 -7.47 -9.70 6.82
C LEU A 337 -7.52 -8.98 5.47
N ASN A 338 -7.17 -7.71 5.45
CA ASN A 338 -7.08 -6.94 4.20
C ASN A 338 -6.03 -7.53 3.28
N GLU A 339 -4.78 -7.66 3.74
CA GLU A 339 -3.71 -8.01 2.79
C GLU A 339 -3.64 -9.49 2.41
N GLY A 340 -3.83 -10.40 3.34
CA GLY A 340 -3.72 -11.80 3.06
C GLY A 340 -4.79 -12.24 2.07
N HIS A 341 -6.02 -11.76 2.29
CA HIS A 341 -7.05 -12.18 1.40
C HIS A 341 -6.86 -11.54 0.03
N THR A 342 -6.24 -10.34 -0.03
CA THR A 342 -6.02 -9.70 -1.33
C THR A 342 -4.98 -10.47 -2.06
N VAL A 343 -3.90 -10.87 -1.39
CA VAL A 343 -2.84 -11.63 -2.08
C VAL A 343 -3.44 -12.95 -2.57
N TYR A 344 -4.33 -13.51 -1.75
CA TYR A 344 -5.01 -14.76 -2.13
C TYR A 344 -5.86 -14.57 -3.41
N LEU A 345 -6.66 -13.53 -3.43
CA LEU A 345 -7.47 -13.20 -4.55
C LEU A 345 -6.59 -12.86 -5.78
N GLU A 346 -5.56 -12.04 -5.61
CA GLU A 346 -4.78 -11.74 -6.80
C GLU A 346 -3.98 -12.92 -7.41
N ARG A 347 -3.59 -13.86 -6.58
CA ARG A 347 -2.91 -15.02 -7.07
C ARG A 347 -3.89 -15.88 -7.87
N HIS A 348 -5.17 -15.83 -7.49
CA HIS A 348 -6.23 -16.47 -8.31
C HIS A 348 -6.39 -15.78 -9.62
N ILE A 349 -6.30 -14.43 -9.66
CA ILE A 349 -6.52 -13.71 -10.90
C ILE A 349 -5.35 -14.15 -11.80
N CYS A 350 -4.13 -14.11 -11.27
CA CYS A 350 -2.96 -14.56 -12.06
C CYS A 350 -3.12 -16.01 -12.60
N GLY A 351 -3.62 -16.90 -11.75
CA GLY A 351 -3.90 -18.28 -12.09
C GLY A 351 -4.97 -18.42 -13.15
N ARG A 352 -6.05 -17.66 -13.05
CA ARG A 352 -6.99 -17.61 -14.16
C ARG A 352 -6.41 -17.09 -15.47
N LEU A 353 -5.46 -16.16 -15.45
CA LEU A 353 -4.86 -15.56 -16.68
C LEU A 353 -3.85 -16.44 -17.32
N PHE A 354 -3.01 -17.07 -16.49
CA PHE A 354 -1.82 -17.73 -16.96
C PHE A 354 -1.73 -19.22 -16.60
N GLY A 355 -2.54 -19.71 -15.69
CA GLY A 355 -2.57 -21.12 -15.35
C GLY A 355 -2.29 -21.39 -13.89
N GLU A 356 -2.80 -22.51 -13.40
CA GLU A 356 -2.60 -22.90 -12.05
C GLU A 356 -1.12 -23.08 -11.69
N LYS A 357 -0.29 -23.50 -12.63
CA LYS A 357 1.12 -23.71 -12.30
C LYS A 357 1.76 -22.38 -11.97
N PHE A 358 1.23 -21.34 -12.58
CA PHE A 358 1.74 -19.98 -12.33
C PHE A 358 1.29 -19.51 -10.96
N ARG A 359 0.03 -19.82 -10.62
CA ARG A 359 -0.47 -19.51 -9.28
C ARG A 359 0.43 -20.13 -8.19
N HIS A 360 0.77 -21.37 -8.36
CA HIS A 360 1.73 -22.11 -7.50
C HIS A 360 3.14 -21.48 -7.48
N PHE A 361 3.67 -21.14 -8.63
CA PHE A 361 4.96 -20.44 -8.70
C PHE A 361 4.91 -19.18 -7.80
N ASN A 362 3.87 -18.35 -7.95
CA ASN A 362 3.79 -17.09 -7.18
C ASN A 362 3.61 -17.39 -5.71
N ALA A 363 2.81 -18.45 -5.41
CA ALA A 363 2.55 -18.76 -4.00
C ALA A 363 3.87 -19.19 -3.36
N LEU A 364 4.63 -20.00 -4.06
CA LEU A 364 5.88 -20.54 -3.48
C LEU A 364 6.95 -19.44 -3.25
N GLY A 365 6.94 -18.47 -4.15
CA GLY A 365 7.75 -17.31 -4.03
C GLY A 365 7.40 -16.44 -2.84
N GLY A 366 6.11 -16.35 -2.60
CA GLY A 366 5.59 -15.66 -1.46
C GLY A 366 6.00 -16.35 -0.15
N TRP A 367 6.10 -17.68 -0.12
CA TRP A 367 6.70 -18.39 1.02
C TRP A 367 8.16 -17.99 1.25
N GLY A 368 8.96 -17.94 0.18
CA GLY A 368 10.31 -17.46 0.25
C GLY A 368 10.42 -16.09 0.86
N GLU A 369 9.47 -15.24 0.52
CA GLU A 369 9.48 -13.88 1.01
C GLU A 369 9.15 -13.86 2.49
N LEU A 370 8.25 -14.75 2.91
CA LEU A 370 7.90 -14.91 4.34
C LEU A 370 9.17 -15.37 5.11
N GLN A 371 9.87 -16.37 4.57
CA GLN A 371 11.17 -16.81 5.17
C GLN A 371 12.13 -15.62 5.33
N ASN A 372 12.26 -14.81 4.28
CA ASN A 372 13.09 -13.62 4.37
C ASN A 372 12.71 -12.67 5.51
N SER A 373 11.42 -12.37 5.64
CA SER A 373 10.99 -11.43 6.68
C SER A 373 11.22 -11.96 8.08
N VAL A 374 10.96 -13.22 8.27
CA VAL A 374 11.19 -13.82 9.54
C VAL A 374 12.68 -13.76 9.88
N LYS A 375 13.57 -14.09 8.94
CA LYS A 375 15.02 -14.01 9.23
C LYS A 375 15.43 -12.59 9.51
N THR A 376 14.89 -11.64 8.78
CA THR A 376 15.25 -10.25 9.01
C THR A 376 14.79 -9.78 10.41
N PHE A 377 13.48 -9.86 10.71
CA PHE A 377 12.99 -9.51 12.03
C PHE A 377 13.49 -10.39 13.15
N GLY A 378 13.62 -11.67 12.86
CA GLY A 378 14.08 -12.67 13.78
C GLY A 378 12.89 -13.51 14.25
N GLU A 379 13.12 -14.77 14.50
CA GLU A 379 12.00 -15.70 14.59
C GLU A 379 11.09 -15.51 15.82
N THR A 380 11.50 -14.66 16.77
CA THR A 380 10.65 -14.41 17.99
C THR A 380 10.02 -12.99 17.95
N HIS A 381 10.29 -12.22 16.91
CA HIS A 381 9.89 -10.85 16.86
C HIS A 381 8.38 -10.71 16.83
N PRO A 382 7.81 -9.87 17.71
CA PRO A 382 6.33 -9.83 17.76
C PRO A 382 5.62 -9.41 16.44
N PHE A 383 6.34 -8.79 15.53
CA PHE A 383 5.75 -8.39 14.27
C PHE A 383 5.82 -9.47 13.20
N THR A 384 6.30 -10.65 13.64
CA THR A 384 6.19 -11.84 12.80
C THR A 384 4.93 -12.61 13.16
N LYS A 385 4.11 -12.07 14.09
CA LYS A 385 2.83 -12.70 14.34
C LYS A 385 1.90 -12.27 13.25
N LEU A 386 0.90 -13.10 13.00
CA LEU A 386 -0.11 -12.75 11.98
C LEU A 386 -1.01 -11.65 12.53
N VAL A 387 -1.56 -11.88 13.74
CA VAL A 387 -2.36 -10.83 14.43
C VAL A 387 -1.43 -10.15 15.44
N VAL A 388 -1.33 -8.82 15.37
CA VAL A 388 -0.34 -8.10 16.13
C VAL A 388 -0.98 -7.13 17.11
N ASP A 389 -0.17 -6.60 18.04
CA ASP A 389 -0.65 -5.59 18.98
C ASP A 389 0.04 -4.28 18.76
N LEU A 390 -0.65 -3.33 18.13
CA LEU A 390 -0.01 -2.07 17.70
C LEU A 390 0.01 -0.99 18.78
N THR A 391 -0.28 -1.35 20.02
CA THR A 391 -0.24 -0.36 21.12
C THR A 391 1.10 0.35 21.19
N ASP A 392 1.11 1.64 20.98
CA ASP A 392 2.35 2.40 21.09
C ASP A 392 3.39 2.19 19.99
N ILE A 393 2.96 1.73 18.82
CA ILE A 393 3.88 1.48 17.70
C ILE A 393 3.31 2.06 16.43
N ASP A 394 4.18 2.76 15.71
CA ASP A 394 3.88 3.35 14.47
C ASP A 394 3.65 2.23 13.43
N PRO A 395 2.40 2.13 12.92
CA PRO A 395 2.23 1.08 11.88
C PRO A 395 3.30 1.17 10.76
N ASP A 396 3.78 2.35 10.38
CA ASP A 396 4.84 2.41 9.34
C ASP A 396 6.16 1.72 9.77
N VAL A 397 6.46 1.72 11.06
CA VAL A 397 7.67 1.08 11.63
C VAL A 397 7.56 -0.40 11.63
N ALA A 398 6.35 -0.89 11.75
CA ALA A 398 6.18 -2.30 11.89
C ALA A 398 5.82 -3.04 10.57
N TYR A 399 5.59 -2.25 9.53
CA TYR A 399 5.12 -2.73 8.22
C TYR A 399 6.13 -3.72 7.59
N SER A 400 5.67 -4.87 7.12
CA SER A 400 6.53 -5.84 6.42
C SER A 400 5.64 -6.77 5.60
N SER A 401 6.26 -7.71 4.89
CA SER A 401 5.57 -8.78 4.13
C SER A 401 4.79 -9.79 4.99
N VAL A 402 4.94 -9.76 6.31
CA VAL A 402 4.33 -10.78 7.11
C VAL A 402 2.80 -10.91 6.98
N PRO A 403 2.05 -9.84 7.15
CA PRO A 403 0.58 -9.99 7.10
C PRO A 403 0.12 -10.45 5.70
N TYR A 404 0.93 -10.11 4.69
CA TYR A 404 0.66 -10.52 3.35
C TYR A 404 0.88 -12.02 3.16
N GLU A 405 2.05 -12.49 3.52
CA GLU A 405 2.49 -13.85 3.11
C GLU A 405 2.17 -14.92 4.17
N LYS A 406 2.13 -14.53 5.44
CA LYS A 406 1.69 -15.44 6.44
C LYS A 406 0.19 -15.50 6.33
N GLY A 407 -0.42 -14.37 6.06
CA GLY A 407 -1.85 -14.32 5.77
C GLY A 407 -2.24 -15.20 4.62
N PHE A 408 -1.56 -15.01 3.47
CA PHE A 408 -1.84 -15.87 2.37
C PHE A 408 -1.60 -17.37 2.68
N ALA A 409 -0.52 -17.68 3.37
CA ALA A 409 -0.18 -19.10 3.66
C ALA A 409 -1.26 -19.84 4.45
N LEU A 410 -1.83 -19.15 5.42
CA LEU A 410 -2.97 -19.60 6.18
C LEU A 410 -4.11 -19.94 5.29
N LEU A 411 -4.41 -19.03 4.38
CA LEU A 411 -5.52 -19.23 3.45
C LEU A 411 -5.26 -20.32 2.45
N PHE A 412 -4.05 -20.42 1.93
CA PHE A 412 -3.71 -21.46 0.92
C PHE A 412 -3.72 -22.87 1.61
N TYR A 413 -3.15 -22.93 2.83
CA TYR A 413 -3.25 -24.10 3.71
C TYR A 413 -4.70 -24.56 3.95
N LEU A 414 -5.58 -23.63 4.35
CA LEU A 414 -6.99 -23.89 4.54
C LEU A 414 -7.59 -24.34 3.21
N GLU A 415 -7.21 -23.73 2.10
CA GLU A 415 -7.72 -24.16 0.80
C GLU A 415 -7.45 -25.67 0.57
N GLN A 416 -6.26 -26.09 0.87
CA GLN A 416 -5.89 -27.45 0.63
C GLN A 416 -6.48 -28.35 1.67
N LEU A 417 -6.61 -27.88 2.90
CA LEU A 417 -7.26 -28.69 3.92
C LEU A 417 -8.76 -28.94 3.58
N LEU A 418 -9.45 -27.95 3.07
CA LEU A 418 -10.93 -28.01 2.91
C LEU A 418 -11.46 -28.45 1.53
N GLY A 419 -10.54 -28.87 0.68
CA GLY A 419 -10.91 -29.58 -0.56
C GLY A 419 -10.67 -28.82 -1.84
N GLY A 420 -9.96 -27.68 -1.74
CA GLY A 420 -9.34 -27.12 -2.91
C GLY A 420 -9.84 -25.71 -3.27
N PRO A 421 -9.27 -25.16 -4.35
CA PRO A 421 -9.46 -23.75 -4.67
C PRO A 421 -10.91 -23.43 -5.02
N GLU A 422 -11.57 -24.31 -5.78
CA GLU A 422 -12.98 -24.05 -6.14
C GLU A 422 -13.81 -23.98 -4.89
N ILE A 423 -13.70 -24.99 -3.99
CA ILE A 423 -14.43 -24.93 -2.72
C ILE A 423 -14.05 -23.68 -1.90
N PHE A 424 -12.78 -23.34 -1.81
CA PHE A 424 -12.42 -22.20 -0.95
C PHE A 424 -12.86 -20.89 -1.58
N LEU A 425 -12.86 -20.84 -2.91
CA LEU A 425 -13.37 -19.62 -3.57
C LEU A 425 -14.86 -19.40 -3.32
N GLY A 426 -15.65 -20.45 -3.15
CA GLY A 426 -17.04 -20.24 -2.68
C GLY A 426 -17.08 -19.59 -1.31
N PHE A 427 -16.17 -19.97 -0.43
CA PHE A 427 -16.10 -19.36 0.89
C PHE A 427 -15.74 -17.89 0.76
N LEU A 428 -14.72 -17.61 -0.04
CA LEU A 428 -14.25 -16.22 -0.20
C LEU A 428 -15.38 -15.29 -0.74
N LYS A 429 -16.13 -15.73 -1.75
CA LYS A 429 -17.25 -14.92 -2.25
C LYS A 429 -18.32 -14.68 -1.18
N ALA A 430 -18.58 -15.73 -0.41
CA ALA A 430 -19.58 -15.65 0.60
C ALA A 430 -19.13 -14.77 1.73
N TYR A 431 -17.87 -14.86 2.10
CA TYR A 431 -17.27 -13.98 3.09
C TYR A 431 -17.38 -12.46 2.71
N VAL A 432 -17.11 -12.17 1.45
CA VAL A 432 -17.26 -10.81 0.92
C VAL A 432 -18.69 -10.29 0.95
N GLU A 433 -19.63 -11.13 0.53
CA GLU A 433 -21.06 -10.79 0.60
C GLU A 433 -21.52 -10.60 2.06
N LYS A 434 -21.10 -11.50 2.92
CA LYS A 434 -21.50 -11.42 4.28
C LYS A 434 -21.05 -10.10 4.95
N PHE A 435 -19.79 -9.67 4.72
CA PHE A 435 -19.30 -8.50 5.45
C PHE A 435 -19.09 -7.26 4.56
N SER A 436 -19.72 -7.22 3.39
CA SER A 436 -19.68 -6.02 2.61
C SER A 436 -20.15 -4.84 3.38
N TYR A 437 -19.45 -3.71 3.24
CA TYR A 437 -19.74 -2.45 3.89
C TYR A 437 -19.49 -2.50 5.42
N LYS A 438 -18.80 -3.51 5.95
CA LYS A 438 -18.58 -3.61 7.37
C LYS A 438 -17.09 -3.60 7.63
N SER A 439 -16.75 -3.46 8.90
CA SER A 439 -15.39 -3.55 9.35
C SER A 439 -15.32 -4.66 10.43
N ILE A 440 -14.39 -5.58 10.29
CA ILE A 440 -14.36 -6.79 11.08
C ILE A 440 -13.00 -7.13 11.68
N THR A 441 -13.06 -8.08 12.62
CA THR A 441 -11.86 -8.61 13.30
C THR A 441 -11.58 -10.03 12.82
N THR A 442 -10.43 -10.54 13.23
CA THR A 442 -10.07 -11.91 12.97
C THR A 442 -11.06 -12.92 13.57
N ASP A 443 -11.62 -12.61 14.73
CA ASP A 443 -12.71 -13.49 15.25
C ASP A 443 -13.96 -13.49 14.37
N ASP A 444 -14.32 -12.37 13.76
CA ASP A 444 -15.46 -12.36 12.82
C ASP A 444 -15.15 -13.27 11.69
N TRP A 445 -13.94 -13.19 11.13
CA TRP A 445 -13.60 -14.00 9.97
C TRP A 445 -13.65 -15.48 10.37
N LYS A 446 -13.00 -15.83 11.49
CA LYS A 446 -12.88 -17.21 11.89
C LYS A 446 -14.26 -17.78 12.24
N ASP A 447 -15.09 -16.94 12.85
CA ASP A 447 -16.46 -17.39 13.15
C ASP A 447 -17.21 -17.76 11.91
N PHE A 448 -17.10 -16.90 10.88
CA PHE A 448 -17.78 -17.14 9.65
C PHE A 448 -17.18 -18.32 8.91
N LEU A 449 -15.86 -18.48 8.97
CA LEU A 449 -15.24 -19.65 8.38
C LEU A 449 -15.89 -20.96 8.90
N TYR A 450 -16.00 -21.08 10.22
CA TYR A 450 -16.56 -22.28 10.90
C TYR A 450 -18.03 -22.49 10.51
N SER A 451 -18.71 -21.37 10.35
CA SER A 451 -20.10 -21.39 9.96
C SER A 451 -20.28 -21.90 8.53
N TYR A 452 -19.51 -21.38 7.59
CA TYR A 452 -19.57 -21.77 6.23
C TYR A 452 -19.17 -23.24 6.12
N PHE A 453 -18.12 -23.61 6.87
CA PHE A 453 -17.59 -24.98 6.75
C PHE A 453 -18.01 -25.82 8.00
N LYS A 454 -19.23 -25.57 8.48
CA LYS A 454 -19.97 -26.34 9.51
C LYS A 454 -19.71 -27.86 9.36
N ASP A 455 -19.77 -28.36 8.12
CA ASP A 455 -19.76 -29.78 7.84
C ASP A 455 -18.31 -30.29 7.87
N LYS A 456 -17.33 -29.40 8.08
CA LYS A 456 -15.93 -29.76 8.09
C LYS A 456 -15.23 -29.26 9.36
N VAL A 457 -15.99 -29.06 10.44
CA VAL A 457 -15.44 -28.61 11.72
C VAL A 457 -14.29 -29.56 12.17
N ASP A 458 -14.48 -30.85 11.98
CA ASP A 458 -13.51 -31.82 12.50
C ASP A 458 -12.11 -31.56 11.87
N VAL A 459 -12.11 -31.16 10.61
CA VAL A 459 -10.89 -30.78 9.91
C VAL A 459 -10.31 -29.42 10.36
N LEU A 460 -11.20 -28.44 10.56
CA LEU A 460 -10.82 -27.13 11.07
C LEU A 460 -10.22 -27.20 12.46
N ASN A 461 -10.81 -28.05 13.28
CA ASN A 461 -10.36 -28.20 14.65
C ASN A 461 -8.97 -28.83 14.77
N GLN A 462 -8.45 -29.43 13.69
CA GLN A 462 -7.01 -29.82 13.64
C GLN A 462 -6.02 -28.67 13.38
N VAL A 463 -6.52 -27.55 12.86
CA VAL A 463 -5.68 -26.35 12.73
C VAL A 463 -5.11 -25.76 14.07
N ASP A 464 -3.80 -25.47 14.11
CA ASP A 464 -3.26 -24.85 15.32
C ASP A 464 -3.50 -23.34 15.27
N TRP A 465 -4.70 -22.91 15.65
CA TRP A 465 -5.12 -21.51 15.55
C TRP A 465 -4.28 -20.56 16.34
N ASN A 466 -3.94 -20.92 17.58
CA ASN A 466 -3.10 -20.04 18.37
C ASN A 466 -1.73 -19.82 17.73
N ALA A 467 -1.05 -20.87 17.25
CA ALA A 467 0.21 -20.62 16.62
C ALA A 467 0.13 -19.80 15.29
N TRP A 468 -0.83 -20.14 14.44
CA TRP A 468 -1.03 -19.43 13.16
C TRP A 468 -1.31 -17.96 13.37
N LEU A 469 -2.26 -17.67 14.26
CA LEU A 469 -2.71 -16.31 14.50
C LEU A 469 -1.78 -15.51 15.40
N TYR A 470 -1.20 -16.13 16.44
CA TYR A 470 -0.55 -15.38 17.55
C TYR A 470 0.91 -15.75 17.84
N SER A 471 1.45 -16.76 17.18
CA SER A 471 2.86 -17.05 17.41
C SER A 471 3.76 -16.38 16.43
N PRO A 472 4.94 -16.00 16.89
CA PRO A 472 5.96 -15.46 15.95
C PRO A 472 6.61 -16.57 15.18
N GLY A 473 7.35 -16.19 14.13
CA GLY A 473 8.14 -17.12 13.35
C GLY A 473 7.39 -17.64 12.10
N LEU A 474 7.94 -18.69 11.52
CA LEU A 474 7.32 -19.33 10.37
C LEU A 474 6.08 -20.06 10.89
N PRO A 475 5.08 -20.28 10.01
CA PRO A 475 3.88 -20.98 10.47
C PRO A 475 4.16 -22.42 10.77
N PRO A 476 3.25 -23.06 11.57
CA PRO A 476 3.53 -24.41 12.02
C PRO A 476 3.46 -25.44 10.92
N ILE A 477 2.78 -25.13 9.80
CA ILE A 477 2.71 -26.04 8.65
C ILE A 477 2.95 -25.27 7.36
N LYS A 478 3.72 -25.86 6.47
CA LYS A 478 3.95 -25.38 5.12
C LYS A 478 2.93 -26.03 4.15
N PRO A 479 2.21 -25.21 3.37
CA PRO A 479 1.33 -25.83 2.39
C PRO A 479 2.10 -26.68 1.35
N ASN A 480 1.40 -27.33 0.45
CA ASN A 480 2.00 -28.06 -0.65
C ASN A 480 2.06 -27.20 -1.91
N TYR A 481 3.21 -27.16 -2.56
CA TYR A 481 3.38 -26.31 -3.76
C TYR A 481 3.77 -27.13 -4.95
N ASP A 482 3.09 -26.95 -6.07
CA ASP A 482 3.64 -27.33 -7.35
C ASP A 482 4.97 -26.62 -7.66
N MET A 483 5.95 -27.42 -8.07
CA MET A 483 7.30 -27.01 -8.36
C MET A 483 7.62 -26.71 -9.84
N THR A 484 6.68 -27.02 -10.77
CA THR A 484 6.96 -27.10 -12.22
C THR A 484 7.76 -25.88 -12.79
N LEU A 485 7.27 -24.67 -12.53
CA LEU A 485 7.94 -23.50 -13.03
C LEU A 485 9.06 -22.95 -12.13
N THR A 486 9.10 -23.39 -10.90
CA THR A 486 10.22 -23.00 -9.98
C THR A 486 11.52 -23.84 -10.20
N ASN A 487 11.41 -25.11 -10.62
CA ASN A 487 12.58 -26.01 -10.76
C ASN A 487 13.75 -25.40 -11.52
N ALA A 488 13.48 -24.69 -12.58
CA ALA A 488 14.52 -24.19 -13.46
C ALA A 488 15.29 -23.02 -12.76
N CYS A 489 14.59 -22.30 -11.91
CA CYS A 489 15.17 -21.18 -11.19
C CYS A 489 16.12 -21.68 -10.13
N ILE A 490 15.62 -22.69 -9.41
CA ILE A 490 16.36 -23.37 -8.39
C ILE A 490 17.60 -23.98 -9.01
N ALA A 491 17.44 -24.71 -10.09
CA ALA A 491 18.61 -25.34 -10.72
C ALA A 491 19.65 -24.33 -11.12
N LEU A 492 19.30 -23.23 -11.76
CA LEU A 492 20.34 -22.31 -12.19
C LEU A 492 20.95 -21.63 -10.94
N SER A 493 20.13 -21.31 -9.95
CA SER A 493 20.67 -20.73 -8.72
C SER A 493 21.68 -21.68 -8.04
N GLN A 494 21.34 -22.95 -7.97
CA GLN A 494 22.15 -23.91 -7.25
C GLN A 494 23.45 -24.12 -8.05
N ARG A 495 23.37 -24.06 -9.38
CA ARG A 495 24.62 -24.09 -10.15
C ARG A 495 25.61 -22.95 -9.77
N TRP A 496 25.12 -21.74 -9.62
CA TRP A 496 25.97 -20.61 -9.25
C TRP A 496 26.50 -20.73 -7.82
N ILE A 497 25.63 -21.12 -6.87
CA ILE A 497 25.96 -21.31 -5.45
C ILE A 497 27.02 -22.41 -5.30
N THR A 498 26.86 -23.51 -6.04
CA THR A 498 27.77 -24.67 -5.88
C THR A 498 28.98 -24.57 -6.81
N ALA A 499 28.97 -23.63 -7.72
CA ALA A 499 30.13 -23.42 -8.60
C ALA A 499 31.40 -22.99 -7.83
N LYS A 500 32.51 -23.58 -8.21
CA LYS A 500 33.81 -23.00 -7.87
C LYS A 500 34.40 -22.19 -8.97
N GLU A 501 35.51 -21.48 -8.65
CA GLU A 501 36.21 -20.70 -9.66
C GLU A 501 36.31 -21.41 -11.08
N ASP A 502 36.79 -22.66 -11.13
CA ASP A 502 36.96 -23.28 -12.46
C ASP A 502 35.67 -23.73 -13.10
N ASP A 503 34.51 -23.47 -12.49
CA ASP A 503 33.20 -23.75 -13.15
C ASP A 503 32.60 -22.49 -13.74
N LEU A 504 33.19 -21.34 -13.43
CA LEU A 504 32.65 -20.07 -13.90
C LEU A 504 32.59 -19.90 -15.44
N ASN A 505 33.55 -20.50 -16.12
CA ASN A 505 33.65 -20.49 -17.55
C ASN A 505 32.44 -21.15 -18.25
N SER A 506 31.80 -22.09 -17.58
CA SER A 506 30.69 -22.81 -18.17
C SER A 506 29.37 -22.03 -18.22
N PHE A 507 29.23 -20.92 -17.48
CA PHE A 507 28.03 -20.03 -17.59
C PHE A 507 28.15 -19.14 -18.80
N ASN A 508 26.97 -18.80 -19.32
CA ASN A 508 26.79 -18.26 -20.62
C ASN A 508 25.38 -17.71 -20.74
N ALA A 509 25.21 -16.63 -21.51
CA ALA A 509 23.88 -16.05 -21.73
C ALA A 509 22.81 -17.10 -22.13
N THR A 510 23.22 -18.24 -22.72
CA THR A 510 22.20 -19.28 -23.05
C THR A 510 21.51 -19.85 -21.83
N ASP A 511 22.12 -19.70 -20.65
CA ASP A 511 21.48 -20.12 -19.43
C ASP A 511 20.08 -19.49 -19.23
N LEU A 512 19.88 -18.28 -19.77
CA LEU A 512 18.65 -17.55 -19.48
C LEU A 512 17.56 -17.70 -20.55
N LYS A 513 17.91 -18.39 -21.62
CA LYS A 513 17.13 -18.50 -22.85
C LYS A 513 15.68 -18.89 -22.61
N ASP A 514 15.45 -19.83 -21.73
CA ASP A 514 14.18 -20.39 -21.44
C ASP A 514 13.56 -19.81 -20.13
N LEU A 515 14.11 -18.77 -19.55
CA LEU A 515 13.48 -18.26 -18.33
C LEU A 515 12.61 -17.03 -18.66
N SER A 516 11.41 -16.97 -18.13
CA SER A 516 10.62 -15.73 -18.18
C SER A 516 11.22 -14.66 -17.25
N SER A 517 10.75 -13.42 -17.38
CA SER A 517 11.14 -12.37 -16.46
C SER A 517 10.84 -12.74 -15.00
N HIS A 518 9.70 -13.36 -14.71
CA HIS A 518 9.42 -13.82 -13.35
C HIS A 518 10.41 -14.87 -12.86
N GLN A 519 10.74 -15.82 -13.72
CA GLN A 519 11.72 -16.84 -13.38
C GLN A 519 13.12 -16.24 -13.15
N LEU A 520 13.51 -15.27 -13.97
CA LEU A 520 14.73 -14.52 -13.74
C LEU A 520 14.70 -13.87 -12.35
N ASN A 521 13.60 -13.23 -12.04
CA ASN A 521 13.40 -12.66 -10.74
C ASN A 521 13.50 -13.71 -9.63
N GLU A 522 12.85 -14.87 -9.83
CA GLU A 522 12.92 -15.90 -8.84
C GLU A 522 14.35 -16.54 -8.68
N PHE A 523 15.04 -16.72 -9.79
CA PHE A 523 16.48 -17.09 -9.76
C PHE A 523 17.27 -16.12 -8.88
N LEU A 524 17.04 -14.84 -9.09
CA LEU A 524 17.77 -13.83 -8.29
C LEU A 524 17.35 -13.92 -6.81
N ALA A 525 16.06 -14.04 -6.54
CA ALA A 525 15.61 -14.18 -5.14
C ALA A 525 16.23 -15.43 -4.45
N GLN A 526 16.20 -16.59 -5.11
CA GLN A 526 16.84 -17.80 -4.59
C GLN A 526 18.30 -17.53 -4.30
N THR A 527 18.97 -16.83 -5.17
CA THR A 527 20.39 -16.66 -5.00
C THR A 527 20.71 -15.68 -3.85
N LEU A 528 19.87 -14.67 -3.74
CA LEU A 528 20.06 -13.62 -2.80
C LEU A 528 19.83 -14.18 -1.37
N GLN A 529 18.94 -15.16 -1.21
CA GLN A 529 18.80 -15.85 0.06
C GLN A 529 20.13 -16.45 0.54
N ARG A 530 20.99 -16.84 -0.38
CA ARG A 530 22.30 -17.40 -0.02
C ARG A 530 23.44 -16.42 -0.08
N ALA A 531 23.11 -15.13 -0.26
CA ALA A 531 24.13 -14.07 -0.31
C ALA A 531 24.92 -13.95 1.05
N PRO A 532 26.18 -13.55 1.02
CA PRO A 532 26.98 -13.25 -0.16
C PRO A 532 27.45 -14.48 -0.91
N LEU A 533 27.68 -14.22 -2.17
CA LEU A 533 28.48 -15.09 -3.01
C LEU A 533 29.85 -14.51 -3.20
N PRO A 534 30.79 -15.32 -3.70
CA PRO A 534 32.12 -14.74 -3.93
C PRO A 534 32.06 -13.68 -5.00
N LEU A 535 32.95 -12.75 -4.88
CA LEU A 535 33.02 -11.63 -5.74
C LEU A 535 33.31 -11.99 -7.17
N GLY A 536 34.16 -12.99 -7.37
CA GLY A 536 34.45 -13.47 -8.75
C GLY A 536 33.18 -14.07 -9.39
N HIS A 537 32.31 -14.64 -8.57
CA HIS A 537 31.04 -15.15 -9.09
C HIS A 537 30.16 -14.00 -9.59
N ILE A 538 30.04 -12.95 -8.77
CA ILE A 538 29.14 -11.82 -9.08
C ILE A 538 29.69 -11.09 -10.30
N LYS A 539 31.00 -10.95 -10.34
CA LYS A 539 31.63 -10.43 -11.60
C LYS A 539 31.31 -11.20 -12.84
N ARG A 540 31.42 -12.49 -12.74
CA ARG A 540 31.13 -13.35 -13.90
C ARG A 540 29.68 -13.24 -14.33
N MET A 541 28.79 -13.18 -13.33
CA MET A 541 27.40 -13.00 -13.58
C MET A 541 27.11 -11.75 -14.43
N GLN A 542 27.66 -10.61 -14.08
CA GLN A 542 27.50 -9.46 -14.95
C GLN A 542 28.15 -9.71 -16.35
N GLU A 543 29.33 -10.33 -16.37
CA GLU A 543 30.10 -10.60 -17.63
C GLU A 543 29.22 -11.37 -18.57
N VAL A 544 28.48 -12.37 -18.05
CA VAL A 544 27.73 -13.27 -18.93
C VAL A 544 26.31 -12.95 -19.12
N TYR A 545 25.67 -12.37 -18.13
CA TYR A 545 24.26 -12.05 -18.27
C TYR A 545 23.91 -10.55 -18.48
N ASN A 546 24.84 -9.67 -18.24
CA ASN A 546 24.59 -8.21 -18.26
C ASN A 546 23.36 -7.75 -17.49
N PHE A 547 23.25 -8.20 -16.24
CA PHE A 547 22.11 -7.80 -15.42
C PHE A 547 22.11 -6.30 -15.17
N ASN A 548 23.26 -5.65 -15.21
CA ASN A 548 23.28 -4.20 -15.12
C ASN A 548 22.39 -3.46 -16.11
N ALA A 549 22.11 -4.04 -17.29
CA ALA A 549 21.31 -3.40 -18.30
C ALA A 549 19.83 -3.67 -18.16
N ILE A 550 19.38 -4.48 -17.20
CA ILE A 550 17.96 -4.81 -17.14
C ILE A 550 17.16 -3.66 -16.55
N ASN A 551 16.05 -3.27 -17.13
CA ASN A 551 15.28 -2.16 -16.46
C ASN A 551 14.23 -2.59 -15.47
N ASN A 552 13.79 -3.82 -15.60
CA ASN A 552 12.88 -4.38 -14.63
C ASN A 552 13.31 -4.00 -13.15
N SER A 553 12.52 -3.18 -12.49
CA SER A 553 12.84 -2.69 -11.12
C SER A 553 13.02 -3.84 -10.09
N GLU A 554 12.16 -4.84 -10.08
CA GLU A 554 12.34 -6.00 -9.19
C GLU A 554 13.59 -6.77 -9.41
N ILE A 555 13.85 -7.08 -10.66
CA ILE A 555 15.07 -7.80 -10.95
C ILE A 555 16.29 -6.94 -10.61
N ARG A 556 16.26 -5.68 -10.99
CA ARG A 556 17.44 -4.84 -10.79
C ARG A 556 17.67 -4.64 -9.30
N PHE A 557 16.63 -4.37 -8.54
CA PHE A 557 16.73 -4.36 -7.04
C PHE A 557 17.44 -5.60 -6.43
N ARG A 558 16.97 -6.80 -6.75
CA ARG A 558 17.60 -8.00 -6.23
C ARG A 558 19.05 -8.19 -6.73
N TRP A 559 19.33 -7.89 -8.00
CA TRP A 559 20.67 -7.99 -8.57
C TRP A 559 21.59 -7.04 -7.84
N LEU A 560 21.11 -5.80 -7.60
CA LEU A 560 21.92 -4.83 -6.86
C LEU A 560 22.15 -5.17 -5.33
N ARG A 561 21.13 -5.67 -4.65
CA ARG A 561 21.35 -6.22 -3.34
C ARG A 561 22.40 -7.35 -3.35
N LEU A 562 22.30 -8.25 -4.31
CA LEU A 562 23.27 -9.34 -4.34
C LEU A 562 24.69 -8.81 -4.51
N CYS A 563 24.84 -7.79 -5.33
CA CYS A 563 26.15 -7.21 -5.63
C CYS A 563 26.75 -6.53 -4.42
N ILE A 564 25.93 -5.74 -3.73
CA ILE A 564 26.38 -5.01 -2.54
C ILE A 564 26.67 -5.97 -1.38
N GLN A 565 25.77 -6.92 -1.10
CA GLN A 565 26.02 -7.86 -0.04
C GLN A 565 27.24 -8.74 -0.32
N SER A 566 27.58 -8.89 -1.60
CA SER A 566 28.73 -9.67 -1.98
C SER A 566 29.98 -8.75 -2.15
N LYS A 567 29.86 -7.50 -1.74
CA LYS A 567 30.98 -6.56 -1.61
C LYS A 567 31.57 -6.10 -2.89
N TRP A 568 30.77 -6.01 -3.96
CA TRP A 568 31.29 -5.51 -5.22
C TRP A 568 31.24 -3.99 -5.26
N GLU A 569 32.41 -3.35 -5.24
CA GLU A 569 32.45 -1.86 -5.12
C GLU A 569 31.87 -1.16 -6.31
N ASP A 570 32.04 -1.73 -7.50
CA ASP A 570 31.46 -1.18 -8.69
C ASP A 570 29.96 -0.97 -8.62
N ALA A 571 29.26 -1.73 -7.79
CA ALA A 571 27.83 -1.65 -7.78
C ALA A 571 27.37 -0.48 -6.97
N ILE A 572 28.28 0.09 -6.18
CA ILE A 572 27.87 1.14 -5.21
C ILE A 572 27.13 2.31 -5.92
N PRO A 573 27.69 2.89 -6.98
CA PRO A 573 26.98 4.01 -7.63
C PRO A 573 25.62 3.59 -8.20
N LEU A 574 25.52 2.36 -8.69
CA LEU A 574 24.27 1.90 -9.26
C LEU A 574 23.16 1.77 -8.17
N ALA A 575 23.55 1.27 -7.01
CA ALA A 575 22.63 1.02 -5.93
C ALA A 575 22.22 2.32 -5.24
N LEU A 576 23.16 3.26 -5.16
CA LEU A 576 22.85 4.59 -4.64
C LEU A 576 21.87 5.31 -5.53
N LYS A 577 22.10 5.20 -6.85
CA LYS A 577 21.25 5.83 -7.83
C LYS A 577 19.86 5.22 -7.82
N MET A 578 19.77 3.88 -7.75
CA MET A 578 18.46 3.29 -7.64
C MET A 578 17.75 3.63 -6.34
N ALA A 579 18.48 3.79 -5.25
CA ALA A 579 17.82 4.13 -3.99
C ALA A 579 17.20 5.55 -4.00
N THR A 580 17.77 6.43 -4.82
CA THR A 580 17.46 7.85 -4.78
C THR A 580 16.66 8.31 -5.98
N GLU A 581 16.83 7.73 -7.13
CA GLU A 581 16.06 8.11 -8.32
C GLU A 581 14.63 7.67 -8.25
N GLN A 582 14.35 6.77 -7.32
CA GLN A 582 13.00 6.44 -7.02
C GLN A 582 12.94 6.27 -5.52
N GLY A 583 11.72 6.15 -4.99
CA GLY A 583 11.49 6.09 -3.55
C GLY A 583 10.46 5.09 -3.06
N ARG A 584 10.23 4.05 -3.84
CA ARG A 584 9.33 2.97 -3.40
C ARG A 584 10.09 2.34 -2.29
N MET A 585 9.47 2.30 -1.11
CA MET A 585 10.21 1.82 0.09
C MET A 585 10.71 0.45 -0.03
N LYS A 586 9.98 -0.43 -0.72
CA LYS A 586 10.39 -1.81 -0.87
C LYS A 586 11.82 -1.93 -1.42
N PHE A 587 12.22 -1.02 -2.30
CA PHE A 587 13.57 -0.94 -2.89
C PHE A 587 14.50 0.02 -2.14
N THR A 588 14.01 1.23 -1.90
CA THR A 588 14.82 2.30 -1.27
C THR A 588 15.31 1.91 0.13
N ARG A 589 14.46 1.36 0.99
CA ARG A 589 14.97 0.98 2.32
C ARG A 589 16.01 -0.15 2.34
N PRO A 590 15.77 -1.29 1.63
CA PRO A 590 16.79 -2.29 1.73
C PRO A 590 18.13 -1.91 1.08
N LEU A 591 18.05 -1.15 0.03
CA LEU A 591 19.27 -0.68 -0.68
C LEU A 591 20.12 0.26 0.20
N PHE A 592 19.47 1.23 0.81
CA PHE A 592 20.18 2.10 1.79
C PHE A 592 20.71 1.30 2.95
N LYS A 593 19.95 0.35 3.49
CA LYS A 593 20.53 -0.52 4.47
C LYS A 593 21.71 -1.42 4.07
N ASP A 594 21.58 -2.09 2.95
CA ASP A 594 22.71 -2.88 2.42
C ASP A 594 23.94 -1.99 2.25
N LEU A 595 23.72 -0.80 1.68
CA LEU A 595 24.78 0.12 1.43
C LEU A 595 25.40 0.64 2.73
N ALA A 596 24.59 0.74 3.79
CA ALA A 596 25.10 1.11 5.11
C ALA A 596 25.79 -0.01 5.79
N ALA A 597 25.46 -1.27 5.48
CA ALA A 597 26.15 -2.35 6.08
C ALA A 597 27.50 -2.64 5.39
N PHE A 598 27.74 -2.10 4.18
CA PHE A 598 28.98 -2.35 3.38
C PHE A 598 30.00 -1.26 3.73
N ASP A 599 31.11 -1.64 4.35
CA ASP A 599 32.03 -0.60 4.92
C ASP A 599 32.53 0.40 3.86
N LYS A 600 32.77 -0.09 2.64
CA LYS A 600 33.12 0.77 1.53
C LYS A 600 32.06 1.76 1.05
N SER A 601 30.79 1.53 1.37
CA SER A 601 29.71 2.39 0.96
C SER A 601 29.08 3.13 2.13
N HIS A 602 29.43 2.78 3.38
CA HIS A 602 28.66 3.30 4.54
C HIS A 602 28.51 4.83 4.53
N ASP A 603 29.61 5.55 4.37
CA ASP A 603 29.58 6.97 4.56
C ASP A 603 28.83 7.66 3.43
N GLN A 604 29.00 7.14 2.20
CA GLN A 604 28.35 7.70 1.05
C GLN A 604 26.82 7.50 1.13
N ALA A 605 26.40 6.34 1.63
CA ALA A 605 25.00 6.03 1.93
C ALA A 605 24.41 7.03 2.94
N VAL A 606 25.11 7.23 4.04
CA VAL A 606 24.68 8.22 5.04
C VAL A 606 24.58 9.61 4.44
N ARG A 607 25.61 10.07 3.74
CA ARG A 607 25.69 11.43 3.22
C ARG A 607 24.66 11.61 2.14
N THR A 608 24.36 10.55 1.40
CA THR A 608 23.41 10.70 0.29
C THR A 608 22.02 10.83 0.87
N TYR A 609 21.75 10.06 1.89
CA TYR A 609 20.49 10.23 2.57
C TYR A 609 20.40 11.66 3.11
N GLN A 610 21.45 12.09 3.82
CA GLN A 610 21.44 13.42 4.42
C GLN A 610 21.23 14.49 3.39
N GLU A 611 21.79 14.33 2.18
CA GLU A 611 21.57 15.28 1.09
C GLU A 611 20.16 15.24 0.47
N HIS A 612 19.55 14.05 0.39
CA HIS A 612 18.22 13.88 -0.25
C HIS A 612 17.05 14.03 0.72
N LYS A 613 17.30 14.01 2.01
CA LYS A 613 16.16 13.82 2.93
C LYS A 613 15.10 14.92 2.92
N ALA A 614 15.52 16.19 2.77
CA ALA A 614 14.59 17.34 2.64
C ALA A 614 13.61 17.15 1.48
N SER A 615 14.05 16.43 0.46
CA SER A 615 13.28 16.28 -0.75
C SER A 615 12.53 14.90 -0.89
N MET A 616 12.64 14.06 0.12
CA MET A 616 12.00 12.77 0.13
C MET A 616 10.59 12.89 0.73
N HIS A 617 9.81 11.83 0.51
CA HIS A 617 8.55 11.61 1.12
C HIS A 617 8.78 11.53 2.62
N PRO A 618 7.86 12.16 3.38
CA PRO A 618 8.16 12.27 4.79
C PRO A 618 8.22 10.96 5.50
N VAL A 619 7.39 9.98 5.10
CA VAL A 619 7.44 8.70 5.75
C VAL A 619 8.71 7.93 5.40
N THR A 620 9.03 7.88 4.13
CA THR A 620 10.26 7.22 3.69
C THR A 620 11.51 7.91 4.30
N ALA A 621 11.47 9.24 4.33
CA ALA A 621 12.57 10.01 5.01
C ALA A 621 12.77 9.49 6.43
N MET A 622 11.67 9.41 7.16
CA MET A 622 11.68 8.94 8.53
C MET A 622 12.19 7.54 8.70
N LEU A 623 11.71 6.60 7.89
CA LEU A 623 12.11 5.24 8.12
C LEU A 623 13.53 5.04 7.66
N VAL A 624 13.90 5.64 6.55
CA VAL A 624 15.28 5.44 6.11
C VAL A 624 16.27 5.94 7.21
N GLY A 625 15.88 7.00 7.93
CA GLY A 625 16.72 7.59 8.97
C GLY A 625 16.90 6.60 10.09
N LYS A 626 15.79 6.01 10.53
CA LYS A 626 15.85 4.99 11.57
C LYS A 626 16.69 3.81 11.14
N ASP A 627 16.41 3.31 9.93
CA ASP A 627 17.19 2.20 9.40
C ASP A 627 18.70 2.55 9.40
N LEU A 628 19.04 3.75 8.97
CA LEU A 628 20.47 4.16 8.97
C LEU A 628 20.99 4.62 10.35
N LYS A 629 20.18 4.55 11.40
CA LYS A 629 20.60 5.02 12.72
C LYS A 629 21.23 6.40 12.63
N VAL A 630 20.60 7.32 11.86
CA VAL A 630 21.04 8.71 11.78
C VAL A 630 20.00 9.71 12.25
N ASP A 631 20.55 10.77 12.84
CA ASP A 631 19.89 11.89 13.54
C ASP A 631 19.53 11.57 14.96
O23 B3N B . -1.65 0.29 6.41
C13 B3N B . -0.43 0.14 6.66
C14 B3N B . -0.04 -0.76 7.80
C15 B3N B . 1.26 -0.89 8.27
C16 B3N B . 1.53 -1.82 9.29
C17 B3N B . 0.51 -2.53 9.91
N20 B3N B . 0.81 -3.51 10.87
C22 B3N B . 2.17 -3.62 11.40
C21 B3N B . -0.10 -4.59 11.16
C18 B3N B . -0.78 -2.34 9.45
C19 B3N B . -1.02 -1.49 8.39
N12 B3N B . 0.57 0.58 5.88
C10 B3N B . 0.29 1.30 4.63
C9 B3N B . 0.16 0.31 3.45
C8 B3N B . 0.09 1.00 2.06
C7 B3N B . -0.01 0.02 0.90
C6 B3N B . 1.06 -1.07 0.83
C5 B3N B . 0.96 -1.78 -0.52
C1 B3N B . -0.34 -2.55 -0.62
O2 B3N B . -0.68 -3.55 0.09
N3 B3N B . -1.14 -2.12 -1.56
O4 B3N B . -2.36 -2.73 -1.75
ZN ZN C . -2.43 -4.27 -0.41
YB YB D . -31.95 11.42 26.40
C ACY E . -31.13 12.46 28.96
O ACY E . -30.89 13.06 27.89
OXT ACY E . -31.85 11.45 29.01
CH3 ACY E . -30.63 13.04 30.21
N1 IMD F . 12.85 -16.91 -2.55
C2 IMD F . 11.90 -16.83 -3.50
N3 IMD F . 11.21 -15.67 -3.34
C4 IMD F . 11.71 -15.01 -2.27
C5 IMD F . 12.71 -15.81 -1.74
#